data_3UZU
#
_entry.id   3UZU
#
_cell.length_a   91.190
_cell.length_b   49.340
_cell.length_c   61.160
_cell.angle_alpha   90.000
_cell.angle_beta   95.910
_cell.angle_gamma   90.000
#
_symmetry.space_group_name_H-M   'C 1 2 1'
#
loop_
_entity.id
_entity.type
_entity.pdbx_description
1 polymer 'Ribosomal RNA small subunit methyltransferase A'
2 non-polymer 1,2-ETHANEDIOL
3 water water
#
_entity_poly.entity_id   1
_entity_poly.type   'polypeptide(L)'
_entity_poly.pdbx_seq_one_letter_code
;GPGSMSNSRQHQGHFARKRFGQNFLVDHGVIDAIVAAIRPERGERMVEIGPGLGALTGPVIARLATPGSPLHAVELDRDL
IGRLEQRFGELLELHAGDALTFDFGSIARPGDEPSLRIIGNLPYNISSPLLFHLMSFAPVVIDQHFMLQNEVVERMVAEP
GTKAFSRLSVMLQYRYVMDKLIDVPPESFQPPPKVDSAIVRMIPHAPHELPAVDPAVLGEVVTAAFSQRRKMLRNTLGGY
RDLVDFDALGFDLARRAEDIGVDEYVRVAQAVASARASG
;
_entity_poly.pdbx_strand_id   A
#
# COMPACT_ATOMS: atom_id res chain seq x y z
N LYS A 18 9.54 -14.65 -7.88
CA LYS A 18 9.13 -14.35 -9.29
C LYS A 18 7.81 -15.04 -9.65
N ARG A 19 6.85 -14.29 -10.18
CA ARG A 19 5.60 -14.86 -10.67
C ARG A 19 5.86 -15.85 -11.81
N PHE A 20 5.59 -17.14 -11.55
CA PHE A 20 5.62 -18.21 -12.57
C PHE A 20 4.18 -18.61 -12.94
N GLY A 21 3.70 -18.13 -14.08
CA GLY A 21 2.32 -18.42 -14.52
C GLY A 21 1.32 -17.80 -13.56
N GLN A 22 0.18 -18.47 -13.36
CA GLN A 22 -0.87 -18.00 -12.42
C GLN A 22 -0.93 -18.90 -11.16
N ASN A 23 -1.24 -18.28 -10.01
CA ASN A 23 -1.48 -18.99 -8.73
C ASN A 23 -2.82 -18.56 -8.11
N PHE A 24 -3.85 -19.38 -8.28
CA PHE A 24 -5.20 -18.93 -7.89
C PHE A 24 -5.54 -19.43 -6.48
N LEU A 25 -6.08 -18.54 -5.66
CA LEU A 25 -6.50 -18.89 -4.29
C LEU A 25 -7.66 -19.90 -4.37
N VAL A 26 -7.57 -21.00 -3.65
CA VAL A 26 -8.62 -22.03 -3.70
C VAL A 26 -9.13 -22.54 -2.36
N ASP A 27 -8.33 -22.41 -1.29
CA ASP A 27 -8.75 -22.85 0.04
C ASP A 27 -9.94 -22.03 0.58
N HIS A 28 -11.09 -22.68 0.77
CA HIS A 28 -12.32 -21.98 1.18
C HIS A 28 -12.26 -21.35 2.54
N GLY A 29 -11.61 -22.01 3.48
CA GLY A 29 -11.37 -21.42 4.80
C GLY A 29 -10.58 -20.13 4.75
N VAL A 30 -9.52 -20.09 3.93
CA VAL A 30 -8.69 -18.90 3.83
C VAL A 30 -9.52 -17.79 3.16
N ILE A 31 -10.27 -18.14 2.12
CA ILE A 31 -11.07 -17.16 1.40
C ILE A 31 -12.06 -16.51 2.36
N ASP A 32 -12.75 -17.34 3.14
CA ASP A 32 -13.74 -16.84 4.11
C ASP A 32 -13.12 -16.00 5.23
N ALA A 33 -11.94 -16.39 5.69
CA ALA A 33 -11.18 -15.55 6.63
C ALA A 33 -10.80 -14.17 6.07
N ILE A 34 -10.37 -14.11 4.81
CA ILE A 34 -10.05 -12.86 4.17
C ILE A 34 -11.30 -11.97 4.06
N VAL A 35 -12.42 -12.57 3.65
CA VAL A 35 -13.68 -11.83 3.55
C VAL A 35 -14.09 -11.30 4.92
N ALA A 36 -13.90 -12.10 5.98
CA ALA A 36 -14.27 -11.66 7.34
C ALA A 36 -13.39 -10.50 7.81
N ALA A 37 -12.13 -10.50 7.40
CA ALA A 37 -11.21 -9.39 7.75
C ALA A 37 -11.62 -8.09 7.05
N ILE A 38 -11.99 -8.19 5.79
CA ILE A 38 -12.40 -7.01 4.99
C ILE A 38 -13.76 -6.46 5.43
N ARG A 39 -14.68 -7.36 5.75
CA ARG A 39 -16.07 -7.02 6.05
C ARG A 39 -16.71 -6.16 4.95
N PRO A 40 -16.74 -6.69 3.72
CA PRO A 40 -17.49 -5.95 2.71
C PRO A 40 -18.98 -5.86 3.07
N GLU A 41 -19.59 -4.68 2.91
CA GLU A 41 -21.01 -4.50 3.17
C GLU A 41 -21.73 -3.73 2.06
N ARG A 42 -23.02 -3.99 1.93
CA ARG A 42 -23.87 -3.28 0.95
C ARG A 42 -23.80 -1.80 1.18
N GLY A 43 -23.77 -1.04 0.08
CA GLY A 43 -23.68 0.41 0.18
C GLY A 43 -22.25 0.92 0.05
N GLU A 44 -21.27 0.02 0.15
CA GLU A 44 -19.87 0.47 0.11
C GLU A 44 -19.39 0.50 -1.34
N ARG A 45 -18.59 1.52 -1.68
CA ARG A 45 -17.89 1.59 -2.99
C ARG A 45 -16.55 0.93 -2.84
N MET A 46 -16.30 -0.14 -3.59
CA MET A 46 -15.13 -0.96 -3.39
C MET A 46 -14.60 -1.34 -4.74
N VAL A 47 -13.27 -1.36 -4.87
CA VAL A 47 -12.61 -1.85 -6.08
C VAL A 47 -11.59 -2.92 -5.70
N GLU A 48 -11.62 -4.01 -6.49
CA GLU A 48 -10.68 -5.11 -6.38
C GLU A 48 -9.65 -5.08 -7.53
N ILE A 49 -8.40 -5.06 -7.14
CA ILE A 49 -7.27 -5.09 -8.06
C ILE A 49 -6.77 -6.49 -8.24
N GLY A 50 -6.72 -6.98 -9.47
CA GLY A 50 -6.26 -8.34 -9.70
C GLY A 50 -7.25 -9.43 -9.25
N PRO A 51 -8.47 -9.47 -9.80
CA PRO A 51 -9.49 -10.47 -9.37
C PRO A 51 -9.18 -11.93 -9.71
N GLY A 52 -8.25 -12.16 -10.63
CA GLY A 52 -7.92 -13.54 -10.97
C GLY A 52 -9.13 -14.23 -11.58
N LEU A 53 -9.39 -15.45 -11.11
CA LEU A 53 -10.56 -16.23 -11.48
C LEU A 53 -11.79 -15.95 -10.60
N GLY A 54 -11.70 -14.97 -9.70
CA GLY A 54 -12.83 -14.57 -8.87
C GLY A 54 -12.97 -15.24 -7.50
N ALA A 55 -11.87 -15.75 -6.95
CA ALA A 55 -11.89 -16.42 -5.63
C ALA A 55 -12.41 -15.47 -4.54
N LEU A 56 -12.00 -14.20 -4.54
CA LEU A 56 -12.51 -13.23 -3.58
C LEU A 56 -13.66 -12.44 -4.17
N THR A 57 -13.66 -12.27 -5.50
CA THR A 57 -14.70 -11.51 -6.22
C THR A 57 -16.11 -12.05 -5.88
N GLY A 58 -16.32 -13.37 -6.00
CA GLY A 58 -17.62 -13.97 -5.71
C GLY A 58 -18.17 -13.67 -4.33
N PRO A 59 -17.40 -14.04 -3.27
CA PRO A 59 -17.85 -13.81 -1.90
C PRO A 59 -18.05 -12.34 -1.54
N VAL A 60 -17.20 -11.47 -2.07
CA VAL A 60 -17.36 -10.03 -1.86
C VAL A 60 -18.65 -9.55 -2.54
N ILE A 61 -18.88 -9.92 -3.81
CA ILE A 61 -20.14 -9.59 -4.50
C ILE A 61 -21.35 -10.05 -3.70
N ALA A 62 -21.26 -11.25 -3.12
CA ALA A 62 -22.39 -11.83 -2.37
C ALA A 62 -22.79 -10.92 -1.18
N ARG A 63 -21.79 -10.34 -0.54
CA ARG A 63 -22.05 -9.47 0.62
C ARG A 63 -22.32 -8.03 0.30
N LEU A 64 -21.72 -7.51 -0.76
CA LEU A 64 -21.63 -6.07 -0.99
C LEU A 64 -22.40 -5.57 -2.23
N ALA A 65 -22.47 -6.39 -3.27
CA ALA A 65 -23.11 -5.93 -4.51
C ALA A 65 -24.62 -6.16 -4.50
N THR A 66 -25.35 -5.16 -4.99
CA THR A 66 -26.77 -5.26 -5.26
C THR A 66 -27.00 -4.63 -6.63
N PRO A 67 -28.13 -4.94 -7.29
CA PRO A 67 -28.36 -4.27 -8.57
C PRO A 67 -28.34 -2.75 -8.40
N GLY A 68 -27.51 -2.06 -9.20
CA GLY A 68 -27.27 -0.61 -9.05
C GLY A 68 -26.06 -0.16 -8.24
N SER A 69 -25.46 -1.11 -7.52
CA SER A 69 -24.26 -0.90 -6.71
C SER A 69 -23.34 -2.11 -6.87
N PRO A 70 -22.65 -2.19 -8.02
CA PRO A 70 -21.70 -3.28 -8.26
C PRO A 70 -20.42 -3.17 -7.47
N LEU A 71 -19.71 -4.29 -7.38
CA LEU A 71 -18.30 -4.25 -7.03
C LEU A 71 -17.51 -3.82 -8.26
N HIS A 72 -16.60 -2.86 -8.08
CA HIS A 72 -15.64 -2.46 -9.13
C HIS A 72 -14.39 -3.33 -9.11
N ALA A 73 -13.75 -3.46 -10.27
CA ALA A 73 -12.50 -4.23 -10.38
C ALA A 73 -11.57 -3.60 -11.42
N VAL A 74 -10.27 -3.85 -11.30
CA VAL A 74 -9.29 -3.40 -12.29
C VAL A 74 -8.49 -4.62 -12.72
N GLU A 75 -8.49 -4.90 -14.02
CA GLU A 75 -7.83 -6.09 -14.60
C GLU A 75 -7.49 -5.82 -16.07
N LEU A 76 -6.39 -6.42 -16.58
CA LEU A 76 -5.99 -6.19 -17.97
C LEU A 76 -6.15 -7.42 -18.87
N ASP A 77 -6.00 -8.61 -18.31
CA ASP A 77 -6.04 -9.84 -19.13
C ASP A 77 -7.45 -10.07 -19.69
N ARG A 78 -7.59 -10.09 -21.03
CA ARG A 78 -8.91 -10.20 -21.68
C ARG A 78 -9.63 -11.53 -21.39
N ASP A 79 -8.87 -12.61 -21.24
CA ASP A 79 -9.47 -13.94 -20.94
C ASP A 79 -10.10 -13.88 -19.54
N LEU A 80 -9.35 -13.35 -18.57
CA LEU A 80 -9.87 -13.24 -17.20
C LEU A 80 -11.09 -12.32 -17.16
N ILE A 81 -11.06 -11.21 -17.91
CA ILE A 81 -12.17 -10.25 -17.94
C ILE A 81 -13.45 -10.92 -18.48
N GLY A 82 -13.33 -11.62 -19.61
CA GLY A 82 -14.50 -12.28 -20.17
C GLY A 82 -15.09 -13.33 -19.23
N ARG A 83 -14.23 -14.07 -18.53
CA ARG A 83 -14.66 -15.08 -17.59
C ARG A 83 -15.40 -14.44 -16.43
N LEU A 84 -14.85 -13.35 -15.89
CA LEU A 84 -15.50 -12.65 -14.79
C LEU A 84 -16.85 -12.07 -15.17
N GLU A 85 -16.92 -11.44 -16.34
CA GLU A 85 -18.16 -10.79 -16.78
C GLU A 85 -19.23 -11.88 -17.03
N GLN A 86 -18.81 -13.01 -17.60
CA GLN A 86 -19.71 -14.16 -17.76
C GLN A 86 -20.27 -14.67 -16.44
N ARG A 87 -19.40 -14.76 -15.44
CA ARG A 87 -19.77 -15.34 -14.15
C ARG A 87 -20.64 -14.41 -13.27
N PHE A 88 -20.32 -13.11 -13.27
CA PHE A 88 -20.95 -12.14 -12.35
C PHE A 88 -21.88 -11.12 -13.02
N GLY A 89 -21.84 -11.00 -14.34
CA GLY A 89 -22.66 -10.05 -15.07
C GLY A 89 -22.57 -8.63 -14.51
N GLU A 90 -23.72 -7.97 -14.40
CA GLU A 90 -23.73 -6.56 -14.01
C GLU A 90 -23.50 -6.29 -12.53
N LEU A 91 -23.28 -7.32 -11.73
CA LEU A 91 -22.84 -7.12 -10.36
C LEU A 91 -21.35 -6.71 -10.29
N LEU A 92 -20.65 -6.83 -11.39
CA LEU A 92 -19.24 -6.44 -11.47
C LEU A 92 -19.12 -5.29 -12.46
N GLU A 93 -18.30 -4.28 -12.12
CA GLU A 93 -18.00 -3.17 -13.00
C GLU A 93 -16.47 -3.13 -13.14
N LEU A 94 -16.00 -3.73 -14.21
CA LEU A 94 -14.57 -3.94 -14.40
C LEU A 94 -14.00 -2.88 -15.33
N HIS A 95 -12.93 -2.25 -14.84
CA HIS A 95 -12.19 -1.17 -15.52
C HIS A 95 -10.97 -1.80 -16.17
N ALA A 96 -10.97 -1.92 -17.51
CA ALA A 96 -9.98 -2.72 -18.25
C ALA A 96 -8.69 -1.92 -18.50
N GLY A 97 -7.65 -2.31 -17.79
CA GLY A 97 -6.36 -1.61 -17.87
C GLY A 97 -5.43 -1.92 -16.71
N ASP A 98 -4.20 -1.43 -16.81
CA ASP A 98 -3.18 -1.62 -15.75
C ASP A 98 -3.53 -0.75 -14.52
N ALA A 99 -3.59 -1.35 -13.35
CA ALA A 99 -3.88 -0.61 -12.14
C ALA A 99 -2.82 0.45 -11.89
N LEU A 100 -1.60 0.21 -12.34
CA LEU A 100 -0.50 1.15 -12.07
C LEU A 100 -0.72 2.50 -12.79
N THR A 101 -1.47 2.47 -13.89
CA THR A 101 -1.76 3.70 -14.63
C THR A 101 -3.23 4.18 -14.52
N PHE A 102 -4.00 3.58 -13.61
CA PHE A 102 -5.40 3.89 -13.41
C PHE A 102 -5.65 5.04 -12.43
N ASP A 103 -6.51 5.99 -12.82
CA ASP A 103 -6.89 7.10 -11.96
C ASP A 103 -8.03 6.60 -11.01
N PHE A 104 -7.66 6.11 -9.83
CA PHE A 104 -8.58 5.58 -8.84
C PHE A 104 -9.61 6.63 -8.38
N GLY A 105 -9.20 7.89 -8.42
CA GLY A 105 -10.12 9.04 -8.20
C GLY A 105 -11.40 9.00 -9.03
N SER A 106 -11.34 8.36 -10.19
CA SER A 106 -12.49 8.28 -11.13
C SER A 106 -13.65 7.50 -10.56
N ILE A 107 -13.38 6.68 -9.53
CA ILE A 107 -14.42 5.84 -8.96
C ILE A 107 -14.75 6.11 -7.51
N ALA A 108 -14.12 7.13 -6.93
CA ALA A 108 -14.61 7.68 -5.66
C ALA A 108 -15.98 8.30 -5.85
N ARG A 109 -16.82 8.31 -4.79
CA ARG A 109 -18.08 9.04 -4.82
C ARG A 109 -17.84 10.53 -4.78
N PRO A 110 -18.73 11.31 -5.40
CA PRO A 110 -18.60 12.75 -5.20
C PRO A 110 -18.65 13.18 -3.73
N GLY A 111 -17.93 14.25 -3.40
CA GLY A 111 -17.99 14.83 -2.07
C GLY A 111 -16.65 14.88 -1.37
N ASP A 112 -16.62 15.48 -0.18
CA ASP A 112 -15.36 15.59 0.57
C ASP A 112 -14.98 14.41 1.43
N GLU A 113 -15.95 13.55 1.77
CA GLU A 113 -15.68 12.44 2.65
C GLU A 113 -14.95 11.33 1.86
N PRO A 114 -14.02 10.65 2.52
CA PRO A 114 -13.44 9.46 1.88
C PRO A 114 -14.52 8.45 1.58
N SER A 115 -14.40 7.80 0.44
CA SER A 115 -15.50 6.94 -0.03
C SER A 115 -15.07 5.58 -0.62
N LEU A 116 -13.81 5.40 -0.99
CA LEU A 116 -13.38 4.24 -1.76
C LEU A 116 -12.66 3.21 -0.90
N ARG A 117 -13.12 1.96 -0.96
CA ARG A 117 -12.42 0.85 -0.34
C ARG A 117 -11.66 0.08 -1.42
N ILE A 118 -10.39 -0.20 -1.17
CA ILE A 118 -9.55 -0.92 -2.17
C ILE A 118 -9.15 -2.28 -1.60
N ILE A 119 -9.31 -3.33 -2.39
CA ILE A 119 -8.79 -4.61 -2.00
C ILE A 119 -7.99 -5.19 -3.20
N GLY A 120 -7.23 -6.24 -2.94
CA GLY A 120 -6.59 -6.98 -4.02
C GLY A 120 -5.54 -7.97 -3.62
N ASN A 121 -4.98 -8.58 -4.66
CA ASN A 121 -3.94 -9.58 -4.61
C ASN A 121 -2.86 -9.12 -5.56
N LEU A 122 -1.74 -8.65 -5.00
CA LEU A 122 -0.67 -8.08 -5.82
C LEU A 122 0.55 -9.00 -5.86
N PRO A 123 1.05 -9.31 -7.06
CA PRO A 123 2.34 -9.97 -7.24
C PRO A 123 3.46 -9.13 -6.66
N TYR A 124 4.60 -9.77 -6.50
CA TYR A 124 5.74 -9.11 -5.88
C TYR A 124 6.20 -7.86 -6.64
N ASN A 125 6.42 -7.99 -7.95
CA ASN A 125 7.00 -6.93 -8.79
CA ASN A 125 7.08 -6.90 -8.67
C ASN A 125 6.24 -5.61 -8.70
N ILE A 126 4.91 -5.72 -8.72
CA ILE A 126 4.07 -4.55 -8.82
C ILE A 126 3.73 -3.96 -7.44
N SER A 127 4.12 -4.65 -6.35
CA SER A 127 3.64 -4.28 -5.00
C SER A 127 4.10 -2.88 -4.60
N SER A 128 5.42 -2.62 -4.72
CA SER A 128 5.92 -1.32 -4.29
C SER A 128 5.39 -0.19 -5.20
N PRO A 129 5.54 -0.35 -6.50
CA PRO A 129 5.05 0.73 -7.38
C PRO A 129 3.56 1.03 -7.18
N LEU A 130 2.74 0.01 -6.98
CA LEU A 130 1.34 0.25 -6.83
C LEU A 130 1.03 0.92 -5.49
N LEU A 131 1.66 0.45 -4.40
CA LEU A 131 1.49 1.09 -3.11
C LEU A 131 1.87 2.57 -3.16
N PHE A 132 2.99 2.88 -3.82
CA PHE A 132 3.34 4.29 -4.02
C PHE A 132 2.30 5.04 -4.89
N HIS A 133 1.83 4.45 -5.99
CA HIS A 133 0.80 5.09 -6.85
C HIS A 133 -0.46 5.45 -6.07
N LEU A 134 -0.88 4.55 -5.19
CA LEU A 134 -2.12 4.74 -4.42
C LEU A 134 -2.03 5.87 -3.39
N MET A 135 -0.82 6.28 -2.98
CA MET A 135 -0.68 7.33 -1.95
C MET A 135 -1.34 8.65 -2.35
N SER A 136 -1.35 8.95 -3.65
CA SER A 136 -1.93 10.23 -4.10
C SER A 136 -3.46 10.22 -3.98
N PHE A 137 -4.07 9.03 -3.97
CA PHE A 137 -5.51 8.90 -3.75
C PHE A 137 -5.90 8.76 -2.27
N ALA A 138 -4.94 8.75 -1.34
CA ALA A 138 -5.29 8.55 0.07
C ALA A 138 -6.49 9.41 0.58
N PRO A 139 -6.61 10.70 0.15
CA PRO A 139 -7.76 11.48 0.69
C PRO A 139 -9.17 11.00 0.37
N VAL A 140 -9.33 10.26 -0.73
CA VAL A 140 -10.65 9.67 -1.08
C VAL A 140 -10.81 8.21 -0.68
N VAL A 141 -9.76 7.66 -0.03
CA VAL A 141 -9.73 6.22 0.35
C VAL A 141 -10.14 5.98 1.82
N ILE A 142 -11.11 5.10 2.03
CA ILE A 142 -11.53 4.69 3.36
C ILE A 142 -10.47 3.76 3.96
N ASP A 143 -10.10 2.75 3.19
CA ASP A 143 -9.12 1.74 3.64
C ASP A 143 -8.67 0.90 2.48
N GLN A 144 -7.57 0.17 2.71
CA GLN A 144 -6.98 -0.77 1.74
C GLN A 144 -6.73 -2.10 2.42
N HIS A 145 -7.11 -3.21 1.78
CA HIS A 145 -6.71 -4.54 2.28
C HIS A 145 -6.08 -5.32 1.15
N PHE A 146 -4.82 -5.72 1.30
CA PHE A 146 -4.16 -6.52 0.25
C PHE A 146 -3.63 -7.88 0.71
N MET A 147 -3.71 -8.83 -0.21
CA MET A 147 -2.93 -10.08 -0.16
C MET A 147 -1.63 -9.83 -0.91
N LEU A 148 -0.54 -9.92 -0.17
CA LEU A 148 0.79 -9.74 -0.71
C LEU A 148 1.68 -10.88 -0.24
N GLN A 149 2.87 -11.04 -0.83
CA GLN A 149 3.86 -11.95 -0.25
C GLN A 149 4.19 -11.45 1.16
N ASN A 150 4.53 -12.37 2.03
CA ASN A 150 4.81 -12.03 3.42
C ASN A 150 5.99 -11.09 3.59
N GLU A 151 7.02 -11.27 2.75
CA GLU A 151 8.18 -10.39 2.71
C GLU A 151 7.79 -8.90 2.56
N VAL A 152 6.85 -8.61 1.66
CA VAL A 152 6.36 -7.25 1.42
C VAL A 152 5.60 -6.73 2.67
N VAL A 153 4.70 -7.53 3.21
CA VAL A 153 3.94 -7.10 4.38
C VAL A 153 4.88 -6.80 5.57
N GLU A 154 5.89 -7.65 5.75
CA GLU A 154 6.90 -7.46 6.81
C GLU A 154 7.58 -6.09 6.68
N ARG A 155 7.91 -5.70 5.44
CA ARG A 155 8.48 -4.39 5.16
C ARG A 155 7.51 -3.24 5.48
N MET A 156 6.24 -3.40 5.14
CA MET A 156 5.27 -2.32 5.39
C MET A 156 5.16 -1.98 6.88
N VAL A 157 5.11 -3.01 7.72
CA VAL A 157 4.93 -2.87 9.19
C VAL A 157 6.22 -3.00 10.02
N ALA A 158 7.38 -2.96 9.34
CA ALA A 158 8.68 -3.18 9.98
C ALA A 158 9.03 -2.08 10.98
N GLU A 159 9.65 -2.46 12.08
CA GLU A 159 10.21 -1.50 13.02
C GLU A 159 11.59 -1.03 12.52
N PRO A 160 12.02 0.19 12.92
CA PRO A 160 13.33 0.66 12.46
C PRO A 160 14.45 -0.26 12.87
N GLY A 161 15.41 -0.44 11.97
CA GLY A 161 16.63 -1.18 12.29
C GLY A 161 16.50 -2.67 12.09
N THR A 162 15.26 -3.13 11.87
CA THR A 162 15.00 -4.54 11.65
C THR A 162 15.35 -4.87 10.20
N LYS A 163 15.47 -6.17 9.91
CA LYS A 163 15.93 -6.62 8.58
C LYS A 163 15.11 -6.03 7.42
N ALA A 164 13.80 -5.88 7.63
CA ALA A 164 12.86 -5.51 6.57
C ALA A 164 12.59 -4.01 6.46
N PHE A 165 13.28 -3.18 7.25
CA PHE A 165 12.94 -1.74 7.29
C PHE A 165 13.51 -0.98 6.11
N SER A 166 12.64 -0.21 5.44
CA SER A 166 12.95 0.40 4.16
C SER A 166 12.25 1.75 3.90
N ARG A 167 12.60 2.35 2.76
CA ARG A 167 11.91 3.53 2.23
C ARG A 167 10.35 3.37 2.26
N LEU A 168 9.88 2.22 1.79
CA LEU A 168 8.45 1.85 1.79
C LEU A 168 7.86 1.90 3.19
N SER A 169 8.57 1.29 4.15
CA SER A 169 8.13 1.30 5.54
C SER A 169 7.89 2.74 6.01
N VAL A 170 8.85 3.63 5.77
CA VAL A 170 8.74 5.00 6.24
C VAL A 170 7.61 5.77 5.57
N MET A 171 7.54 5.75 4.25
CA MET A 171 6.51 6.53 3.56
C MET A 171 5.08 6.00 3.87
N LEU A 172 4.90 4.69 3.92
CA LEU A 172 3.57 4.15 4.25
C LEU A 172 3.20 4.38 5.73
N GLN A 173 4.15 4.21 6.66
CA GLN A 173 3.86 4.48 8.06
C GLN A 173 3.56 5.97 8.35
N TYR A 174 4.18 6.86 7.58
CA TYR A 174 3.82 8.28 7.63
C TYR A 174 2.34 8.49 7.26
N ARG A 175 1.85 7.82 6.20
CA ARG A 175 0.54 8.12 5.64
C ARG A 175 -0.66 7.30 6.19
N TYR A 176 -0.42 6.08 6.68
CA TYR A 176 -1.44 5.09 7.02
C TYR A 176 -1.15 4.48 8.41
N VAL A 177 -2.21 4.03 9.10
CA VAL A 177 -2.14 3.03 10.17
C VAL A 177 -2.28 1.66 9.51
N MET A 178 -1.34 0.78 9.81
CA MET A 178 -1.29 -0.51 9.16
C MET A 178 -1.25 -1.67 10.16
N ASP A 179 -1.87 -2.79 9.79
CA ASP A 179 -1.87 -4.01 10.58
C ASP A 179 -1.80 -5.25 9.72
N LYS A 180 -0.90 -6.16 10.07
CA LYS A 180 -0.88 -7.50 9.45
C LYS A 180 -2.01 -8.28 10.14
N LEU A 181 -2.93 -8.84 9.35
CA LEU A 181 -4.13 -9.48 9.86
C LEU A 181 -4.14 -11.03 9.83
N ILE A 182 -3.60 -11.63 8.78
CA ILE A 182 -3.68 -13.08 8.53
C ILE A 182 -2.47 -13.59 7.79
N ASP A 183 -1.95 -14.74 8.21
CA ASP A 183 -0.95 -15.49 7.44
C ASP A 183 -1.64 -16.42 6.45
N VAL A 184 -1.14 -16.46 5.22
CA VAL A 184 -1.74 -17.24 4.16
C VAL A 184 -0.66 -18.17 3.57
N PRO A 185 -0.66 -19.47 3.95
CA PRO A 185 0.40 -20.36 3.49
C PRO A 185 0.21 -20.80 2.03
N PRO A 186 1.29 -21.30 1.38
CA PRO A 186 1.25 -21.61 -0.08
C PRO A 186 0.17 -22.61 -0.50
N GLU A 187 -0.15 -23.55 0.38
CA GLU A 187 -1.21 -24.54 0.09
C GLU A 187 -2.61 -23.94 -0.07
N SER A 188 -2.76 -22.66 0.30
CA SER A 188 -3.98 -21.91 0.02
C SER A 188 -4.27 -21.78 -1.48
N PHE A 189 -3.24 -21.97 -2.33
CA PHE A 189 -3.30 -21.66 -3.76
C PHE A 189 -3.13 -22.92 -4.63
N GLN A 190 -3.72 -22.86 -5.83
CA GLN A 190 -3.53 -23.90 -6.84
C GLN A 190 -2.94 -23.26 -8.11
N PRO A 191 -1.70 -23.67 -8.51
CA PRO A 191 -0.76 -24.47 -7.75
C PRO A 191 -0.10 -23.63 -6.67
N PRO A 192 0.41 -24.29 -5.60
CA PRO A 192 1.01 -23.51 -4.52
C PRO A 192 2.27 -22.81 -5.00
N PRO A 193 2.47 -21.55 -4.60
CA PRO A 193 3.76 -20.93 -4.88
C PRO A 193 4.78 -21.41 -3.84
N LYS A 194 6.01 -20.92 -3.93
CA LYS A 194 7.04 -21.35 -2.99
C LYS A 194 7.25 -20.31 -1.88
N VAL A 195 6.32 -19.34 -1.77
CA VAL A 195 6.39 -18.27 -0.76
C VAL A 195 5.16 -18.24 0.16
N ASP A 196 5.33 -17.68 1.35
CA ASP A 196 4.20 -17.41 2.23
C ASP A 196 3.63 -16.03 1.91
N SER A 197 2.35 -15.84 2.18
CA SER A 197 1.66 -14.58 1.89
C SER A 197 0.96 -14.11 3.16
N ALA A 198 0.32 -12.95 3.10
CA ALA A 198 -0.33 -12.38 4.27
C ALA A 198 -1.31 -11.32 3.81
N ILE A 199 -2.28 -11.00 4.68
CA ILE A 199 -3.25 -9.92 4.43
C ILE A 199 -2.88 -8.74 5.32
N VAL A 200 -2.84 -7.55 4.73
CA VAL A 200 -2.51 -6.32 5.49
C VAL A 200 -3.59 -5.28 5.26
N ARG A 201 -3.96 -4.60 6.35
CA ARG A 201 -4.89 -3.49 6.33
C ARG A 201 -4.15 -2.15 6.40
N MET A 202 -4.62 -1.17 5.61
CA MET A 202 -4.08 0.19 5.63
C MET A 202 -5.23 1.20 5.75
N ILE A 203 -5.17 2.06 6.75
CA ILE A 203 -6.14 3.14 6.94
C ILE A 203 -5.46 4.52 6.89
N PRO A 204 -5.86 5.36 5.94
CA PRO A 204 -5.15 6.63 5.85
C PRO A 204 -5.38 7.49 7.09
N HIS A 205 -4.33 8.13 7.60
CA HIS A 205 -4.52 9.18 8.59
C HIS A 205 -5.41 10.26 8.05
N ALA A 206 -6.32 10.76 8.88
CA ALA A 206 -7.02 11.98 8.61
C ALA A 206 -6.01 13.16 8.50
N PRO A 207 -6.38 14.22 7.77
CA PRO A 207 -5.49 15.37 7.60
C PRO A 207 -4.94 15.94 8.91
N HIS A 208 -5.80 16.12 9.92
CA HIS A 208 -5.35 16.65 11.22
C HIS A 208 -4.49 15.69 11.99
N GLU A 209 -4.50 14.41 11.61
CA GLU A 209 -3.68 13.39 12.27
C GLU A 209 -2.30 13.25 11.67
N LEU A 210 -2.09 13.75 10.46
CA LEU A 210 -0.76 13.72 9.86
C LEU A 210 0.15 14.72 10.58
N PRO A 211 1.46 14.41 10.67
CA PRO A 211 2.36 15.39 11.32
C PRO A 211 2.48 16.66 10.52
N ALA A 212 2.78 17.76 11.21
CA ALA A 212 2.92 19.05 10.53
C ALA A 212 4.28 19.03 9.82
N VAL A 213 4.25 18.61 8.56
CA VAL A 213 5.44 18.52 7.71
C VAL A 213 4.96 18.59 6.26
N ASP A 214 5.74 19.20 5.38
CA ASP A 214 5.42 19.27 3.98
C ASP A 214 5.75 17.89 3.43
N PRO A 215 4.75 17.15 2.93
CA PRO A 215 5.07 15.76 2.50
C PRO A 215 6.10 15.68 1.38
N ALA A 216 6.20 16.75 0.58
CA ALA A 216 7.20 16.83 -0.48
C ALA A 216 8.62 16.87 0.11
N VAL A 217 8.82 17.60 1.21
CA VAL A 217 10.14 17.68 1.86
C VAL A 217 10.43 16.35 2.58
N LEU A 218 9.42 15.69 3.17
CA LEU A 218 9.65 14.38 3.78
C LEU A 218 10.14 13.40 2.69
N GLY A 219 9.44 13.39 1.56
CA GLY A 219 9.81 12.48 0.46
C GLY A 219 11.24 12.72 -0.02
N GLU A 220 11.63 13.98 -0.09
CA GLU A 220 12.96 14.39 -0.55
C GLU A 220 14.01 13.82 0.42
N VAL A 221 13.80 14.06 1.70
CA VAL A 221 14.74 13.60 2.72
C VAL A 221 14.89 12.07 2.78
N VAL A 222 13.76 11.38 2.71
CA VAL A 222 13.73 9.91 2.77
C VAL A 222 14.45 9.37 1.52
N THR A 223 14.16 9.93 0.35
CA THR A 223 14.85 9.54 -0.87
C THR A 223 16.38 9.68 -0.74
N ALA A 224 16.84 10.79 -0.16
CA ALA A 224 18.27 11.00 0.04
C ALA A 224 18.84 9.92 0.98
N ALA A 225 18.24 9.78 2.15
CA ALA A 225 18.74 8.84 3.18
C ALA A 225 18.80 7.40 2.65
N PHE A 226 17.74 6.97 1.96
CA PHE A 226 17.67 5.59 1.50
C PHE A 226 18.39 5.35 0.17
N SER A 227 19.14 6.34 -0.33
CA SER A 227 20.02 6.07 -1.51
C SER A 227 20.88 4.85 -1.22
N GLN A 228 21.42 4.77 0.00
CA GLN A 228 22.24 3.65 0.47
C GLN A 228 21.84 3.38 1.91
N ARG A 229 20.87 2.50 2.13
CA ARG A 229 20.27 2.43 3.46
C ARG A 229 21.18 1.85 4.53
N ARG A 230 22.27 1.19 4.13
CA ARG A 230 23.25 0.59 5.07
C ARG A 230 24.49 1.49 5.35
N LYS A 231 24.59 2.63 4.68
CA LYS A 231 25.68 3.61 4.84
C LYS A 231 25.29 4.61 5.93
N MET A 232 26.29 5.24 6.53
CA MET A 232 26.00 6.28 7.50
C MET A 232 25.26 7.43 6.84
N LEU A 233 24.40 8.06 7.64
CA LEU A 233 23.63 9.26 7.24
C LEU A 233 24.54 10.42 6.93
N ARG A 234 25.69 10.45 7.58
CA ARG A 234 26.71 11.46 7.27
CA ARG A 234 26.71 11.44 7.28
C ARG A 234 27.02 11.47 5.78
N ASN A 235 27.03 10.30 5.16
CA ASN A 235 27.21 10.21 3.70
C ASN A 235 25.91 10.49 2.97
N THR A 236 24.83 9.78 3.33
CA THR A 236 23.61 9.84 2.50
C THR A 236 22.75 11.12 2.65
N LEU A 237 22.89 11.83 3.76
CA LEU A 237 22.29 13.16 3.92
C LEU A 237 23.38 14.23 3.72
N GLY A 238 24.50 13.83 3.13
CA GLY A 238 25.62 14.74 2.94
C GLY A 238 25.29 15.91 2.02
N GLY A 239 24.29 15.76 1.16
CA GLY A 239 23.82 16.86 0.30
C GLY A 239 23.15 17.99 1.05
N TYR A 240 22.76 17.72 2.30
CA TYR A 240 22.16 18.73 3.18
C TYR A 240 23.15 19.41 4.10
N ARG A 241 24.42 18.98 4.04
CA ARG A 241 25.39 19.39 5.07
C ARG A 241 25.67 20.90 5.07
N ASP A 242 25.50 21.55 3.92
CA ASP A 242 25.71 23.00 3.83
C ASP A 242 24.46 23.68 4.38
N LEU A 243 23.29 23.17 4.02
CA LEU A 243 22.02 23.76 4.45
C LEU A 243 21.76 23.63 5.97
N VAL A 244 21.94 22.42 6.53
CA VAL A 244 21.64 22.13 7.93
C VAL A 244 22.80 21.35 8.53
N ASP A 245 23.21 21.73 9.73
CA ASP A 245 24.18 21.01 10.53
C ASP A 245 23.42 20.11 11.53
N PHE A 246 23.14 18.87 11.10
CA PHE A 246 22.31 17.94 11.86
C PHE A 246 23.03 17.54 13.16
N ASP A 247 24.34 17.35 13.06
CA ASP A 247 25.17 16.99 14.24
C ASP A 247 25.07 18.07 15.35
N ALA A 248 25.13 19.34 14.95
CA ALA A 248 24.98 20.49 15.85
C ALA A 248 23.62 20.49 16.53
N LEU A 249 22.62 19.94 15.88
CA LEU A 249 21.26 19.84 16.42
C LEU A 249 21.05 18.59 17.29
N GLY A 250 22.10 17.79 17.46
CA GLY A 250 21.99 16.55 18.21
C GLY A 250 21.61 15.30 17.45
N PHE A 251 21.49 15.36 16.13
CA PHE A 251 21.09 14.20 15.32
C PHE A 251 22.33 13.43 14.94
N ASP A 252 22.39 12.16 15.33
CA ASP A 252 23.61 11.36 15.19
C ASP A 252 23.73 10.77 13.79
N LEU A 253 24.68 11.30 13.03
CA LEU A 253 24.90 10.96 11.63
C LEU A 253 25.76 9.69 11.44
N ALA A 254 26.20 9.06 12.52
CA ALA A 254 26.88 7.75 12.44
C ALA A 254 25.85 6.62 12.29
N ARG A 255 24.57 6.93 12.52
CA ARG A 255 23.50 5.97 12.27
C ARG A 255 23.23 5.87 10.75
N ARG A 256 22.44 4.87 10.35
CA ARG A 256 22.17 4.57 8.96
C ARG A 256 20.70 4.85 8.66
N ALA A 257 20.32 5.04 7.39
CA ALA A 257 18.92 5.30 7.04
C ALA A 257 17.98 4.22 7.62
N GLU A 258 18.44 2.98 7.55
CA GLU A 258 17.64 1.85 7.99
C GLU A 258 17.38 1.81 9.53
N ASP A 259 18.08 2.65 10.27
CA ASP A 259 17.97 2.69 11.74
C ASP A 259 16.97 3.71 12.33
N ILE A 260 16.46 4.62 11.49
CA ILE A 260 15.75 5.85 11.88
C ILE A 260 14.25 5.66 11.65
N GLY A 261 13.44 6.01 12.64
CA GLY A 261 11.98 5.89 12.50
C GLY A 261 11.27 7.02 11.77
N VAL A 262 9.99 6.80 11.46
CA VAL A 262 9.18 7.78 10.77
C VAL A 262 9.21 9.10 11.50
N ASP A 263 9.09 9.06 12.82
CA ASP A 263 9.03 10.31 13.60
C ASP A 263 10.30 11.13 13.45
N GLU A 264 11.44 10.46 13.37
CA GLU A 264 12.72 11.14 13.21
C GLU A 264 12.88 11.72 11.81
N TYR A 265 12.43 10.98 10.79
CA TYR A 265 12.40 11.52 9.43
C TYR A 265 11.55 12.78 9.33
N VAL A 266 10.42 12.80 10.05
CA VAL A 266 9.57 13.99 10.07
C VAL A 266 10.35 15.16 10.67
N ARG A 267 11.10 14.92 11.73
CA ARG A 267 11.91 15.97 12.36
C ARG A 267 13.03 16.50 11.44
N VAL A 268 13.68 15.60 10.71
CA VAL A 268 14.69 16.00 9.73
C VAL A 268 14.09 16.91 8.64
N ALA A 269 12.92 16.50 8.14
CA ALA A 269 12.22 17.26 7.13
C ALA A 269 11.77 18.62 7.67
N GLN A 270 11.35 18.67 8.92
CA GLN A 270 10.94 19.93 9.52
C GLN A 270 12.16 20.87 9.63
N ALA A 271 13.30 20.29 10.02
CA ALA A 271 14.58 21.01 10.06
C ALA A 271 15.01 21.57 8.68
N VAL A 272 14.83 20.77 7.63
CA VAL A 272 15.19 21.19 6.28
C VAL A 272 14.29 22.36 5.82
N ALA A 273 12.99 22.23 6.00
CA ALA A 273 12.03 23.30 5.68
C ALA A 273 12.34 24.57 6.46
N SER A 274 12.73 24.44 7.72
CA SER A 274 12.99 25.58 8.58
C SER A 274 14.24 26.31 8.07
N ALA A 275 15.25 25.53 7.73
CA ALA A 275 16.48 26.07 7.12
C ALA A 275 16.25 26.86 5.83
N ARG A 276 15.20 26.51 5.09
CA ARG A 276 14.89 27.15 3.83
C ARG A 276 13.96 28.34 3.98
N ALA A 277 13.44 28.59 5.18
CA ALA A 277 12.30 29.50 5.36
C ALA A 277 12.70 30.96 5.26
N SER A 278 11.80 31.77 4.71
CA SER A 278 11.93 33.24 4.73
C SER A 278 10.60 33.91 5.12
N GLY A 279 10.68 35.19 5.48
CA GLY A 279 9.46 36.02 5.69
C GLY A 279 9.43 36.59 7.08
#